data_4D9H
#
_entry.id   4D9H
#
_cell.length_a   135.724
_cell.length_b   135.724
_cell.length_c   56.098
_cell.angle_alpha   90.000
_cell.angle_beta   90.000
_cell.angle_gamma   120.000
#
_symmetry.space_group_name_H-M   'P 3 2 1'
#
loop_
_entity.id
_entity.type
_entity.pdbx_description
1 polymer 'Purine nucleoside phosphorylase deoD-type'
2 non-polymer ADENOSINE
3 water water
#
_entity_poly.entity_id   1
_entity_poly.type   'polypeptide(L)'
_entity_poly.pdbx_seq_one_letter_code
;MGSSHHHHHHSSGLVPRGSHMSVHIGAEKGQIADTVLLPGDPLRAKFIAETYLENVECYNEVRGMYGFTGTYKGKKISVQ
GTGMGVPSISIYVNELIQSYDVQNLIRVGSCGAIRKDVKVRDVILAMTSSTDSQMNRVAFGSVDFAPCADFELLKNAYDA
AKDKGVPVTVGSVFTADQFYNDDSQIEKLAKYGVLGVEMETTALYTLAAKHGRKALSILTVSDHVLTGEETTAEERQTTF
HDMIDVALHSVSQ
;
_entity_poly.pdbx_strand_id   A,B
#
# COMPACT_ATOMS: atom_id res chain seq x y z
N SER A 22 1.58 4.60 -18.31
CA SER A 22 1.42 5.03 -16.91
C SER A 22 2.64 4.69 -16.06
N VAL A 23 2.80 5.46 -14.99
CA VAL A 23 3.96 5.46 -14.12
C VAL A 23 4.16 4.14 -13.30
N HIS A 24 3.07 3.49 -12.89
CA HIS A 24 3.17 2.26 -12.09
C HIS A 24 2.86 0.95 -12.80
N ILE A 25 2.38 1.03 -14.03
CA ILE A 25 2.05 -0.17 -14.80
C ILE A 25 2.80 -0.13 -16.15
N GLY A 26 3.67 -1.11 -16.37
CA GLY A 26 4.51 -1.15 -17.56
C GLY A 26 3.90 -1.84 -18.77
N ALA A 27 2.59 -1.68 -18.96
CA ALA A 27 1.93 -2.35 -20.08
C ALA A 27 1.81 -1.45 -21.30
N GLU A 28 1.90 -2.05 -22.49
CA GLU A 28 1.64 -1.37 -23.74
C GLU A 28 0.15 -1.43 -23.94
N LYS A 29 -0.42 -0.46 -24.66
CA LYS A 29 -1.85 -0.49 -25.00
C LYS A 29 -2.27 -1.85 -25.62
N GLY A 30 -3.37 -2.41 -25.13
CA GLY A 30 -3.92 -3.66 -25.67
C GLY A 30 -3.58 -4.93 -24.89
N GLN A 31 -2.71 -4.80 -23.89
CA GLN A 31 -2.27 -5.93 -23.08
C GLN A 31 -3.15 -6.18 -21.86
N ILE A 32 -3.90 -5.16 -21.45
CA ILE A 32 -4.79 -5.24 -20.30
C ILE A 32 -6.21 -5.41 -20.80
N ALA A 33 -6.93 -6.37 -20.20
CA ALA A 33 -8.30 -6.61 -20.57
C ALA A 33 -9.27 -5.55 -20.04
N ASP A 34 -10.44 -5.48 -20.67
CA ASP A 34 -11.63 -4.76 -20.20
C ASP A 34 -11.96 -5.00 -18.74
N THR A 35 -11.66 -6.20 -18.28
CA THR A 35 -12.20 -6.73 -17.03
C THR A 35 -11.02 -7.20 -16.19
N VAL A 36 -10.90 -6.66 -14.99
CA VAL A 36 -9.69 -6.87 -14.19
C VAL A 36 -10.06 -7.29 -12.77
N LEU A 37 -9.47 -8.39 -12.33
CA LEU A 37 -9.58 -8.85 -10.95
C LEU A 37 -8.45 -8.21 -10.18
N LEU A 38 -8.77 -7.78 -8.96
CA LEU A 38 -7.81 -7.03 -8.14
C LEU A 38 -7.58 -7.67 -6.76
N PRO A 39 -6.72 -8.71 -6.69
CA PRO A 39 -6.20 -9.15 -5.37
C PRO A 39 -5.28 -8.09 -4.80
N GLY A 40 -5.15 -8.05 -3.48
CA GLY A 40 -4.14 -7.16 -2.86
C GLY A 40 -2.71 -7.66 -3.10
N ASP A 41 -2.57 -8.98 -3.11
CA ASP A 41 -1.26 -9.65 -3.08
C ASP A 41 -0.84 -9.98 -4.53
N PRO A 42 0.31 -9.47 -5.00
CA PRO A 42 0.67 -9.77 -6.40
C PRO A 42 1.03 -11.24 -6.65
N LEU A 43 1.48 -11.94 -5.61
CA LEU A 43 1.69 -13.39 -5.67
C LEU A 43 0.39 -14.18 -5.78
N ARG A 44 -0.67 -13.67 -5.16
CA ARG A 44 -2.01 -14.22 -5.40
C ARG A 44 -2.53 -13.92 -6.82
N ALA A 45 -2.18 -12.75 -7.38
CA ALA A 45 -2.51 -12.46 -8.81
C ALA A 45 -1.87 -13.48 -9.76
N LYS A 46 -0.58 -13.78 -9.53
CA LYS A 46 0.13 -14.85 -10.28
C LYS A 46 -0.59 -16.19 -10.15
N PHE A 47 -0.95 -16.56 -8.93
CA PHE A 47 -1.68 -17.78 -8.64
C PHE A 47 -3.04 -17.84 -9.38
N ILE A 48 -3.81 -16.76 -9.30
CA ILE A 48 -5.11 -16.72 -9.96
C ILE A 48 -4.97 -16.91 -11.48
N ALA A 49 -4.08 -16.12 -12.06
CA ALA A 49 -3.87 -16.12 -13.51
C ALA A 49 -3.36 -17.46 -14.00
N GLU A 50 -2.37 -18.03 -13.32
CA GLU A 50 -1.81 -19.32 -13.72
C GLU A 50 -2.71 -20.51 -13.44
N THR A 51 -3.53 -20.43 -12.41
CA THR A 51 -4.43 -21.54 -12.09
C THR A 51 -5.71 -21.56 -12.93
N TYR A 52 -6.25 -20.39 -13.23
CA TYR A 52 -7.59 -20.30 -13.77
C TYR A 52 -7.69 -19.90 -15.24
N LEU A 53 -6.59 -19.38 -15.78
CA LEU A 53 -6.63 -18.73 -17.09
C LEU A 53 -5.80 -19.44 -18.10
N GLU A 54 -6.17 -19.28 -19.37
CA GLU A 54 -5.45 -19.86 -20.50
C GLU A 54 -4.56 -18.81 -21.15
N ASN A 55 -3.40 -19.26 -21.63
CA ASN A 55 -2.50 -18.43 -22.43
C ASN A 55 -2.17 -17.08 -21.80
N VAL A 56 -1.50 -17.18 -20.66
CA VAL A 56 -1.26 -16.07 -19.74
C VAL A 56 0.04 -15.38 -20.11
N GLU A 57 -0.01 -14.05 -20.10
CA GLU A 57 1.17 -13.20 -20.23
C GLU A 57 1.26 -12.33 -18.97
N CYS A 58 2.47 -12.16 -18.46
CA CYS A 58 2.73 -11.11 -17.49
C CYS A 58 2.97 -9.79 -18.24
N TYR A 59 2.18 -8.77 -17.92
CA TYR A 59 2.31 -7.45 -18.58
C TYR A 59 2.96 -6.38 -17.70
N ASN A 60 3.19 -6.69 -16.42
CA ASN A 60 3.82 -5.73 -15.49
C ASN A 60 4.65 -6.34 -14.41
N GLU A 61 5.85 -5.75 -14.23
CA GLU A 61 6.83 -6.15 -13.24
C GLU A 61 7.31 -4.97 -12.40
N VAL A 62 6.80 -3.78 -12.71
CA VAL A 62 7.16 -2.57 -11.99
C VAL A 62 6.75 -2.73 -10.52
N ARG A 63 7.73 -2.53 -9.64
CA ARG A 63 7.64 -2.68 -8.19
CA ARG A 63 7.57 -2.67 -8.19
C ARG A 63 7.29 -4.12 -7.76
N GLY A 64 7.38 -5.07 -8.70
CA GLY A 64 7.01 -6.46 -8.41
C GLY A 64 5.51 -6.58 -8.18
N MET A 65 4.77 -5.55 -8.56
CA MET A 65 3.30 -5.62 -8.41
C MET A 65 2.75 -6.22 -9.68
N TYR A 66 2.82 -7.54 -9.74
CA TYR A 66 2.55 -8.26 -10.96
C TYR A 66 1.15 -8.08 -11.49
N GLY A 67 1.04 -8.07 -12.82
CA GLY A 67 -0.22 -8.05 -13.52
C GLY A 67 -0.13 -9.03 -14.68
N PHE A 68 -1.19 -9.81 -14.81
CA PHE A 68 -1.29 -10.86 -15.83
C PHE A 68 -2.54 -10.71 -16.67
N THR A 69 -2.47 -11.13 -17.94
CA THR A 69 -3.66 -11.24 -18.78
C THR A 69 -3.75 -12.67 -19.35
N GLY A 70 -4.95 -13.24 -19.28
CA GLY A 70 -5.24 -14.55 -19.87
C GLY A 70 -6.66 -14.56 -20.40
N THR A 71 -7.14 -15.76 -20.76
CA THR A 71 -8.51 -15.94 -21.23
CA THR A 71 -8.52 -15.89 -21.18
C THR A 71 -9.27 -16.90 -20.31
N TYR A 72 -10.57 -16.64 -20.14
CA TYR A 72 -11.48 -17.53 -19.42
C TYR A 72 -12.79 -17.60 -20.21
N LYS A 73 -13.08 -18.78 -20.77
CA LYS A 73 -14.32 -19.02 -21.52
C LYS A 73 -14.62 -17.96 -22.59
N GLY A 74 -13.63 -17.69 -23.46
CA GLY A 74 -13.83 -16.80 -24.61
C GLY A 74 -13.69 -15.30 -24.35
N LYS A 75 -13.26 -14.94 -23.13
CA LYS A 75 -13.15 -13.55 -22.70
C LYS A 75 -11.74 -13.24 -22.16
N LYS A 76 -11.22 -12.05 -22.48
CA LYS A 76 -9.95 -11.59 -21.87
C LYS A 76 -10.17 -11.25 -20.40
N ILE A 77 -9.31 -11.75 -19.53
CA ILE A 77 -9.36 -11.39 -18.10
C ILE A 77 -7.98 -10.93 -17.71
N SER A 78 -7.88 -9.81 -17.00
CA SER A 78 -6.61 -9.43 -16.40
C SER A 78 -6.66 -9.54 -14.88
N VAL A 79 -5.49 -9.73 -14.27
CA VAL A 79 -5.36 -9.92 -12.81
C VAL A 79 -4.18 -9.06 -12.36
N GLN A 80 -4.49 -8.02 -11.58
CA GLN A 80 -3.50 -7.00 -11.20
C GLN A 80 -3.42 -6.91 -9.68
N GLY A 81 -2.24 -7.13 -9.09
CA GLY A 81 -2.01 -6.84 -7.67
C GLY A 81 -2.20 -5.36 -7.41
N THR A 82 -2.83 -5.03 -6.27
CA THR A 82 -3.10 -3.62 -5.92
C THR A 82 -2.23 -3.12 -4.77
N GLY A 83 -1.66 -4.04 -4.00
CA GLY A 83 -1.04 -3.68 -2.73
C GLY A 83 -2.06 -3.36 -1.67
N MET A 84 -1.61 -2.88 -0.52
CA MET A 84 -2.43 -2.79 0.68
C MET A 84 -2.74 -1.36 1.02
N GLY A 85 -4.02 -1.06 1.25
CA GLY A 85 -4.43 0.29 1.70
C GLY A 85 -4.97 1.17 0.59
N VAL A 86 -5.85 2.11 0.96
CA VAL A 86 -6.48 3.06 0.01
C VAL A 86 -5.49 3.73 -1.03
N PRO A 87 -4.34 4.26 -0.56
CA PRO A 87 -3.45 5.02 -1.46
C PRO A 87 -2.86 4.13 -2.52
N SER A 88 -2.54 2.89 -2.15
CA SER A 88 -1.90 1.95 -3.07
C SER A 88 -2.88 1.50 -4.12
N ILE A 89 -4.04 1.00 -3.69
CA ILE A 89 -5.04 0.56 -4.69
C ILE A 89 -5.52 1.73 -5.56
N SER A 90 -5.61 2.93 -4.98
CA SER A 90 -6.00 4.12 -5.75
C SER A 90 -5.10 4.38 -6.96
N ILE A 91 -3.80 4.20 -6.78
CA ILE A 91 -2.82 4.37 -7.85
C ILE A 91 -3.15 3.42 -8.99
N TYR A 92 -3.29 2.12 -8.65
CA TYR A 92 -3.53 1.10 -9.68
C TYR A 92 -4.86 1.27 -10.37
N VAL A 93 -5.90 1.47 -9.57
CA VAL A 93 -7.23 1.68 -10.13
C VAL A 93 -7.27 2.92 -11.07
N ASN A 94 -6.67 4.05 -10.65
CA ASN A 94 -6.66 5.28 -11.48
C ASN A 94 -5.98 5.05 -12.80
N GLU A 95 -4.85 4.36 -12.76
CA GLU A 95 -4.06 4.07 -13.98
C GLU A 95 -4.76 3.07 -14.91
N LEU A 96 -5.37 2.03 -14.31
CA LEU A 96 -6.14 1.06 -15.08
C LEU A 96 -7.29 1.73 -15.84
N ILE A 97 -8.02 2.63 -15.14
CA ILE A 97 -9.12 3.38 -15.71
C ILE A 97 -8.65 4.40 -16.78
N GLN A 98 -7.74 5.29 -16.41
CA GLN A 98 -7.40 6.45 -17.25
C GLN A 98 -6.44 6.09 -18.39
N SER A 99 -5.48 5.20 -18.15
CA SER A 99 -4.53 4.84 -19.19
C SER A 99 -4.92 3.59 -19.96
N TYR A 100 -5.68 2.69 -19.33
CA TYR A 100 -6.01 1.43 -20.01
C TYR A 100 -7.50 1.17 -20.30
N ASP A 101 -8.33 2.19 -20.09
CA ASP A 101 -9.75 2.15 -20.44
C ASP A 101 -10.49 0.91 -19.87
N VAL A 102 -10.02 0.43 -18.72
CA VAL A 102 -10.67 -0.68 -18.03
C VAL A 102 -12.11 -0.33 -17.65
N GLN A 103 -13.01 -1.29 -17.88
CA GLN A 103 -14.44 -1.09 -17.67
C GLN A 103 -14.99 -1.73 -16.41
N ASN A 104 -14.48 -2.91 -16.08
CA ASN A 104 -15.00 -3.71 -14.96
C ASN A 104 -13.85 -4.07 -14.04
N LEU A 105 -14.00 -3.71 -12.76
CA LEU A 105 -12.93 -3.85 -11.75
C LEU A 105 -13.43 -4.64 -10.54
N ILE A 106 -12.89 -5.82 -10.34
CA ILE A 106 -13.42 -6.68 -9.25
C ILE A 106 -12.37 -7.07 -8.26
N ARG A 107 -12.43 -6.47 -7.08
CA ARG A 107 -11.50 -6.86 -6.02
C ARG A 107 -11.84 -8.27 -5.52
N VAL A 108 -10.82 -9.13 -5.49
CA VAL A 108 -11.00 -10.46 -4.91
C VAL A 108 -9.99 -10.62 -3.77
N GLY A 109 -10.48 -10.68 -2.55
CA GLY A 109 -9.58 -10.61 -1.40
C GLY A 109 -10.21 -11.14 -0.13
N SER A 110 -9.55 -10.83 0.98
CA SER A 110 -10.04 -11.23 2.27
C SER A 110 -10.33 -10.00 3.17
N CYS A 111 -11.04 -10.29 4.25
CA CYS A 111 -11.34 -9.33 5.28
C CYS A 111 -11.35 -10.08 6.63
N GLY A 112 -11.20 -9.38 7.72
CA GLY A 112 -11.43 -9.97 9.05
C GLY A 112 -12.89 -9.81 9.42
N ALA A 113 -13.57 -10.90 9.75
CA ALA A 113 -14.96 -10.82 10.23
C ALA A 113 -15.03 -10.08 11.55
N ILE A 114 -16.07 -9.27 11.74
CA ILE A 114 -16.19 -8.55 13.01
C ILE A 114 -17.48 -8.88 13.77
N ARG A 115 -18.21 -9.87 13.28
CA ARG A 115 -19.45 -10.34 13.91
C ARG A 115 -19.38 -11.86 13.98
N LYS A 116 -19.89 -12.43 15.07
CA LYS A 116 -19.97 -13.91 15.17
C LYS A 116 -20.86 -14.51 14.06
N ASP A 117 -21.95 -13.83 13.72
CA ASP A 117 -22.85 -14.36 12.68
C ASP A 117 -22.28 -14.38 11.25
N VAL A 118 -21.08 -13.83 11.08
CA VAL A 118 -20.38 -13.89 9.80
C VAL A 118 -19.47 -15.12 9.81
N LYS A 119 -19.80 -16.12 9.00
CA LYS A 119 -19.17 -17.42 9.09
C LYS A 119 -17.95 -17.54 8.18
N VAL A 120 -17.02 -18.40 8.57
CA VAL A 120 -15.75 -18.56 7.83
C VAL A 120 -15.91 -18.97 6.34
N ARG A 121 -17.02 -19.63 6.01
CA ARG A 121 -17.28 -20.16 4.66
CA ARG A 121 -17.28 -20.16 4.66
C ARG A 121 -17.99 -19.17 3.74
N ASP A 122 -18.46 -18.06 4.31
CA ASP A 122 -19.29 -17.10 3.59
C ASP A 122 -18.43 -16.28 2.62
N VAL A 123 -18.85 -16.19 1.36
CA VAL A 123 -18.25 -15.21 0.45
C VAL A 123 -19.05 -13.92 0.59
N ILE A 124 -18.34 -12.81 0.80
CA ILE A 124 -19.01 -11.53 1.05
C ILE A 124 -19.06 -10.69 -0.25
N LEU A 125 -20.24 -10.14 -0.55
CA LEU A 125 -20.39 -9.18 -1.61
C LEU A 125 -20.68 -7.80 -1.02
N ALA A 126 -19.78 -6.86 -1.24
CA ALA A 126 -19.85 -5.60 -0.53
C ALA A 126 -20.74 -4.63 -1.31
N MET A 127 -21.90 -4.31 -0.73
CA MET A 127 -22.80 -3.30 -1.29
CA MET A 127 -22.81 -3.30 -1.26
C MET A 127 -22.15 -1.91 -1.19
N THR A 128 -21.50 -1.64 -0.05
CA THR A 128 -20.91 -0.35 0.27
C THR A 128 -19.80 -0.59 1.31
N SER A 129 -19.05 0.46 1.62
CA SER A 129 -18.01 0.36 2.65
C SER A 129 -17.92 1.62 3.46
N SER A 130 -17.79 1.48 4.79
CA SER A 130 -17.41 2.61 5.65
C SER A 130 -15.90 2.78 5.57
N THR A 131 -15.39 3.91 6.08
CA THR A 131 -13.95 4.11 6.14
C THR A 131 -13.49 5.08 7.21
N ASP A 132 -12.26 4.90 7.67
CA ASP A 132 -11.58 5.97 8.41
C ASP A 132 -10.53 6.68 7.54
N SER A 133 -10.44 6.29 6.27
CA SER A 133 -9.66 7.05 5.26
C SER A 133 -10.23 8.44 5.13
N GLN A 134 -9.36 9.44 4.99
CA GLN A 134 -9.83 10.80 4.78
C GLN A 134 -10.05 11.12 3.26
N MET A 135 -9.98 10.10 2.39
CA MET A 135 -9.95 10.35 0.95
C MET A 135 -11.18 11.09 0.43
N ASN A 136 -12.34 10.70 0.93
CA ASN A 136 -13.58 11.35 0.53
C ASN A 136 -13.85 12.65 1.25
N ARG A 137 -13.44 12.76 2.52
CA ARG A 137 -13.62 14.03 3.23
C ARG A 137 -12.79 15.14 2.60
N VAL A 138 -11.61 14.78 2.10
CA VAL A 138 -10.76 15.68 1.30
C VAL A 138 -11.53 16.21 0.09
N ALA A 139 -12.28 15.34 -0.57
CA ALA A 139 -13.08 15.75 -1.72
C ALA A 139 -14.41 16.42 -1.33
N PHE A 140 -15.08 15.88 -0.30
CA PHE A 140 -16.50 16.20 -0.02
C PHE A 140 -16.81 17.08 1.19
N GLY A 141 -15.80 17.41 2.00
CA GLY A 141 -15.98 18.32 3.13
C GLY A 141 -16.92 17.79 4.20
N SER A 142 -18.07 18.45 4.37
CA SER A 142 -19.08 18.09 5.35
CA SER A 142 -19.04 18.05 5.37
C SER A 142 -20.01 16.98 4.85
N VAL A 143 -19.69 16.35 3.72
CA VAL A 143 -20.53 15.24 3.19
C VAL A 143 -19.90 13.89 3.55
N ASP A 144 -20.68 13.01 4.15
CA ASP A 144 -20.31 11.60 4.32
C ASP A 144 -20.61 10.92 3.00
N PHE A 145 -19.59 10.66 2.18
CA PHE A 145 -19.82 9.95 0.92
C PHE A 145 -19.93 8.45 1.16
N ALA A 146 -21.05 7.87 0.74
CA ALA A 146 -21.21 6.41 0.76
C ALA A 146 -20.85 5.76 -0.58
N PRO A 147 -19.70 5.06 -0.64
CA PRO A 147 -19.40 4.46 -1.93
C PRO A 147 -20.33 3.28 -2.26
N CYS A 148 -20.47 2.95 -3.55
CA CYS A 148 -21.51 2.00 -3.94
C CYS A 148 -21.00 1.05 -4.99
N ALA A 149 -21.31 -0.24 -4.84
CA ALA A 149 -20.93 -1.25 -5.83
C ALA A 149 -21.86 -1.02 -7.03
N ASP A 150 -21.35 -1.27 -8.22
CA ASP A 150 -22.20 -1.40 -9.40
C ASP A 150 -23.18 -2.59 -9.23
N PHE A 151 -24.48 -2.30 -9.28
CA PHE A 151 -25.46 -3.35 -8.96
C PHE A 151 -25.51 -4.50 -9.96
N GLU A 152 -25.31 -4.17 -11.24
CA GLU A 152 -25.21 -5.22 -12.25
C GLU A 152 -24.14 -6.26 -11.90
N LEU A 153 -22.92 -5.82 -11.60
CA LEU A 153 -21.86 -6.74 -11.24
C LEU A 153 -22.20 -7.50 -9.95
N LEU A 154 -22.77 -6.79 -8.97
CA LEU A 154 -23.09 -7.41 -7.67
C LEU A 154 -24.16 -8.49 -7.86
N LYS A 155 -25.21 -8.16 -8.60
CA LYS A 155 -26.29 -9.13 -8.95
C LYS A 155 -25.77 -10.32 -9.76
N ASN A 156 -24.89 -10.07 -10.73
CA ASN A 156 -24.28 -11.21 -11.47
C ASN A 156 -23.46 -12.13 -10.57
N ALA A 157 -22.72 -11.54 -9.65
CA ALA A 157 -21.98 -12.34 -8.69
C ALA A 157 -22.93 -13.11 -7.74
N TYR A 158 -23.96 -12.44 -7.28
CA TYR A 158 -24.95 -13.09 -6.43
C TYR A 158 -25.58 -14.31 -7.12
N ASP A 159 -26.01 -14.10 -8.36
CA ASP A 159 -26.61 -15.15 -9.20
C ASP A 159 -25.65 -16.32 -9.43
N ALA A 160 -24.40 -16.03 -9.78
CA ALA A 160 -23.41 -17.08 -9.98
C ALA A 160 -23.10 -17.87 -8.70
N ALA A 161 -23.12 -17.23 -7.54
CA ALA A 161 -23.00 -17.96 -6.27
C ALA A 161 -24.21 -18.87 -6.06
N LYS A 162 -25.41 -18.32 -6.28
CA LYS A 162 -26.66 -19.05 -6.07
C LYS A 162 -26.80 -20.25 -7.02
N ASP A 163 -26.32 -20.07 -8.25
CA ASP A 163 -26.26 -21.09 -9.31
CA ASP A 163 -26.34 -21.14 -9.26
C ASP A 163 -25.43 -22.31 -8.88
N LYS A 164 -24.41 -22.05 -8.07
CA LYS A 164 -23.51 -23.10 -7.59
C LYS A 164 -23.82 -23.53 -6.15
N GLY A 165 -24.56 -22.71 -5.40
CA GLY A 165 -24.85 -22.97 -3.99
C GLY A 165 -23.73 -22.48 -3.06
N VAL A 166 -22.78 -21.73 -3.62
CA VAL A 166 -21.74 -21.07 -2.83
C VAL A 166 -22.40 -20.16 -1.78
N PRO A 167 -22.07 -20.36 -0.49
CA PRO A 167 -22.73 -19.53 0.51
C PRO A 167 -22.27 -18.07 0.35
N VAL A 168 -23.23 -17.16 0.41
CA VAL A 168 -22.92 -15.76 0.13
C VAL A 168 -23.64 -14.87 1.12
N THR A 169 -22.99 -13.79 1.54
CA THR A 169 -23.62 -12.80 2.39
CA THR A 169 -23.67 -12.80 2.35
C THR A 169 -23.43 -11.44 1.76
N VAL A 170 -24.48 -10.65 1.68
CA VAL A 170 -24.42 -9.34 1.04
C VAL A 170 -24.62 -8.26 2.10
N GLY A 171 -23.67 -7.34 2.20
CA GLY A 171 -23.66 -6.31 3.21
C GLY A 171 -22.48 -5.37 3.05
N SER A 172 -22.13 -4.68 4.13
CA SER A 172 -21.11 -3.67 4.06
C SER A 172 -19.88 -4.11 4.78
N VAL A 173 -18.76 -3.50 4.41
CA VAL A 173 -17.50 -3.69 5.12
C VAL A 173 -16.96 -2.36 5.66
N PHE A 174 -15.85 -2.43 6.37
CA PHE A 174 -15.10 -1.27 6.82
C PHE A 174 -13.73 -1.28 6.18
N THR A 175 -13.41 -0.20 5.49
CA THR A 175 -12.13 0.01 4.85
C THR A 175 -11.23 0.80 5.81
N ALA A 176 -10.27 0.10 6.43
CA ALA A 176 -9.44 0.67 7.51
C ALA A 176 -8.14 1.22 6.95
N ASP A 177 -7.65 2.30 7.53
CA ASP A 177 -6.33 2.81 7.17
C ASP A 177 -5.21 2.16 7.99
N GLN A 178 -5.56 1.62 9.17
CA GLN A 178 -4.57 1.07 10.11
CA GLN A 178 -4.56 1.06 10.08
C GLN A 178 -4.92 -0.36 10.49
N PHE A 179 -4.23 -1.32 9.87
CA PHE A 179 -4.35 -2.77 10.16
C PHE A 179 -4.27 -3.01 11.69
N TYR A 180 -3.31 -2.33 12.31
CA TYR A 180 -3.15 -2.30 13.75
C TYR A 180 -3.64 -0.95 14.26
N ASN A 181 -4.73 -0.97 15.02
CA ASN A 181 -5.35 0.28 15.48
C ASN A 181 -5.78 0.20 16.97
N ASP A 182 -5.07 0.91 17.85
CA ASP A 182 -5.43 0.98 19.29
C ASP A 182 -6.74 1.75 19.50
N ASP A 183 -6.96 2.74 18.63
CA ASP A 183 -8.16 3.56 18.66
C ASP A 183 -9.34 2.99 17.87
N SER A 184 -9.28 1.70 17.55
CA SER A 184 -10.28 1.07 16.67
C SER A 184 -11.72 1.09 17.18
N GLN A 185 -12.63 1.42 16.26
CA GLN A 185 -14.07 1.35 16.51
C GLN A 185 -14.72 0.20 15.74
N ILE A 186 -13.96 -0.86 15.42
CA ILE A 186 -14.60 -2.07 14.87
C ILE A 186 -15.70 -2.62 15.79
N GLU A 187 -15.57 -2.43 17.11
CA GLU A 187 -16.62 -2.83 18.06
C GLU A 187 -17.97 -2.15 17.75
N LYS A 188 -17.93 -0.84 17.53
CA LYS A 188 -19.15 -0.10 17.25
C LYS A 188 -19.72 -0.43 15.86
N LEU A 189 -18.84 -0.52 14.87
CA LEU A 189 -19.23 -0.84 13.50
C LEU A 189 -19.94 -2.20 13.39
N ALA A 190 -19.46 -3.19 14.17
CA ALA A 190 -20.12 -4.48 14.30
C ALA A 190 -21.56 -4.40 14.84
N LYS A 191 -21.76 -3.55 15.85
CA LYS A 191 -23.10 -3.35 16.41
C LYS A 191 -24.05 -2.70 15.38
N TYR A 192 -23.50 -1.94 14.42
CA TYR A 192 -24.30 -1.45 13.31
C TYR A 192 -24.48 -2.42 12.12
N GLY A 193 -24.04 -3.67 12.28
CA GLY A 193 -24.22 -4.72 11.28
C GLY A 193 -23.12 -4.82 10.24
N VAL A 194 -22.04 -4.04 10.40
CA VAL A 194 -20.92 -4.12 9.45
C VAL A 194 -20.28 -5.49 9.57
N LEU A 195 -19.97 -6.08 8.42
CA LEU A 195 -19.61 -7.51 8.37
C LEU A 195 -18.17 -7.78 8.65
N GLY A 196 -17.29 -6.89 8.19
CA GLY A 196 -15.88 -7.20 8.19
C GLY A 196 -15.00 -6.00 7.86
N VAL A 197 -13.70 -6.17 8.06
CA VAL A 197 -12.71 -5.12 7.89
C VAL A 197 -11.67 -5.53 6.83
N GLU A 198 -11.43 -4.63 5.88
CA GLU A 198 -10.34 -4.77 4.95
C GLU A 198 -9.77 -3.38 4.68
N MET A 199 -8.97 -3.25 3.64
CA MET A 199 -8.24 -2.00 3.45
C MET A 199 -8.29 -1.37 2.04
N GLU A 200 -9.23 -1.78 1.20
CA GLU A 200 -9.23 -1.35 -0.22
C GLU A 200 -10.54 -0.86 -0.80
N THR A 201 -11.67 -1.40 -0.33
CA THR A 201 -12.93 -1.20 -1.03
C THR A 201 -13.38 0.22 -1.23
N THR A 202 -13.29 1.08 -0.20
CA THR A 202 -13.79 2.44 -0.36
C THR A 202 -13.17 3.09 -1.60
N ALA A 203 -11.86 2.88 -1.77
CA ALA A 203 -11.11 3.48 -2.88
C ALA A 203 -11.55 2.98 -4.25
N LEU A 204 -11.68 1.66 -4.39
CA LEU A 204 -12.16 1.03 -5.58
C LEU A 204 -13.52 1.56 -6.02
N TYR A 205 -14.46 1.57 -5.07
CA TYR A 205 -15.83 1.96 -5.36
C TYR A 205 -15.94 3.44 -5.72
N THR A 206 -15.23 4.26 -4.96
CA THR A 206 -15.23 5.68 -5.19
C THR A 206 -14.66 6.07 -6.57
N LEU A 207 -13.48 5.57 -6.85
CA LEU A 207 -12.76 5.93 -8.08
C LEU A 207 -13.40 5.36 -9.34
N ALA A 208 -13.91 4.12 -9.28
CA ALA A 208 -14.69 3.57 -10.40
C ALA A 208 -15.94 4.43 -10.70
N ALA A 209 -16.74 4.72 -9.65
CA ALA A 209 -17.96 5.53 -9.80
C ALA A 209 -17.71 6.93 -10.42
N LYS A 210 -16.60 7.54 -9.99
CA LYS A 210 -16.16 8.84 -10.49
C LYS A 210 -15.91 8.84 -12.01
N HIS A 211 -15.38 7.72 -12.53
CA HIS A 211 -15.08 7.57 -13.96
C HIS A 211 -16.09 6.76 -14.76
N GLY A 212 -17.26 6.54 -14.14
CA GLY A 212 -18.37 5.80 -14.75
C GLY A 212 -18.02 4.36 -15.06
N ARG A 213 -17.17 3.75 -14.27
CA ARG A 213 -16.85 2.35 -14.51
C ARG A 213 -17.53 1.49 -13.43
N LYS A 214 -17.61 0.18 -13.67
CA LYS A 214 -18.34 -0.76 -12.78
C LYS A 214 -17.38 -1.42 -11.79
N ALA A 215 -17.71 -1.42 -10.50
CA ALA A 215 -16.81 -2.03 -9.49
C ALA A 215 -17.57 -2.94 -8.52
N LEU A 216 -16.89 -3.93 -7.95
CA LEU A 216 -17.41 -4.84 -6.93
C LEU A 216 -16.24 -5.44 -6.15
N SER A 217 -16.45 -5.68 -4.85
CA SER A 217 -15.48 -6.36 -4.01
C SER A 217 -16.09 -7.65 -3.55
N ILE A 218 -15.42 -8.75 -3.86
CA ILE A 218 -15.78 -10.07 -3.37
C ILE A 218 -14.73 -10.49 -2.33
N LEU A 219 -15.18 -10.84 -1.12
CA LEU A 219 -14.25 -11.11 -0.01
C LEU A 219 -14.49 -12.43 0.73
N THR A 220 -13.40 -13.10 1.08
CA THR A 220 -13.46 -14.25 1.98
C THR A 220 -13.08 -13.77 3.38
N VAL A 221 -13.45 -14.55 4.37
CA VAL A 221 -13.14 -14.27 5.79
C VAL A 221 -11.83 -15.00 6.15
N SER A 222 -10.80 -14.27 6.59
CA SER A 222 -9.56 -14.95 7.03
C SER A 222 -9.42 -15.19 8.56
N ASP A 223 -10.28 -14.57 9.36
CA ASP A 223 -10.38 -14.81 10.82
C ASP A 223 -11.47 -13.94 11.45
N HIS A 224 -11.75 -14.14 12.74
CA HIS A 224 -12.64 -13.24 13.48
C HIS A 224 -11.81 -12.36 14.41
N VAL A 225 -11.71 -11.08 14.04
CA VAL A 225 -10.85 -10.11 14.73
C VAL A 225 -11.25 -9.92 16.20
N LEU A 226 -12.55 -10.00 16.49
CA LEU A 226 -13.05 -9.69 17.84
C LEU A 226 -13.18 -10.87 18.80
N THR A 227 -12.79 -12.06 18.33
CA THR A 227 -12.58 -13.23 19.18
C THR A 227 -11.12 -13.70 19.09
N GLY A 228 -10.42 -13.20 18.07
CA GLY A 228 -9.03 -13.59 17.77
C GLY A 228 -8.95 -14.84 16.88
N GLU A 229 -10.04 -15.62 16.89
CA GLU A 229 -10.13 -16.98 16.33
C GLU A 229 -9.74 -17.10 14.84
N GLU A 230 -8.92 -18.10 14.54
CA GLU A 230 -8.31 -18.28 13.22
C GLU A 230 -9.02 -19.34 12.39
N THR A 231 -9.00 -19.15 11.08
CA THR A 231 -9.50 -20.15 10.13
C THR A 231 -8.33 -21.10 9.77
N THR A 232 -8.63 -22.34 9.39
CA THR A 232 -7.58 -23.28 8.95
C THR A 232 -7.12 -22.99 7.51
N ALA A 233 -5.91 -23.46 7.17
CA ALA A 233 -5.38 -23.35 5.81
C ALA A 233 -6.31 -23.99 4.77
N GLU A 234 -6.89 -25.13 5.13
CA GLU A 234 -7.83 -25.84 4.25
C GLU A 234 -9.13 -25.06 4.04
N GLU A 235 -9.62 -24.42 5.10
CA GLU A 235 -10.84 -23.61 5.02
C GLU A 235 -10.60 -22.42 4.10
N ARG A 236 -9.45 -21.77 4.23
CA ARG A 236 -9.04 -20.67 3.35
C ARG A 236 -8.90 -21.07 1.87
N GLN A 237 -8.42 -22.29 1.63
CA GLN A 237 -8.33 -22.81 0.27
C GLN A 237 -9.73 -22.96 -0.38
N THR A 238 -10.63 -23.63 0.32
CA THR A 238 -12.03 -23.77 -0.12
C THR A 238 -12.62 -22.43 -0.54
N THR A 239 -12.63 -21.48 0.39
CA THR A 239 -13.34 -20.23 0.22
C THR A 239 -12.67 -19.36 -0.86
N PHE A 240 -11.34 -19.40 -0.95
CA PHE A 240 -10.65 -18.71 -2.07
C PHE A 240 -11.14 -19.21 -3.44
N HIS A 241 -11.25 -20.54 -3.58
CA HIS A 241 -11.78 -21.15 -4.80
C HIS A 241 -13.20 -20.69 -5.09
N ASP A 242 -14.05 -20.77 -4.07
CA ASP A 242 -15.42 -20.32 -4.20
C ASP A 242 -15.48 -18.88 -4.67
N MET A 243 -14.58 -18.03 -4.15
CA MET A 243 -14.58 -16.59 -4.48
C MET A 243 -14.18 -16.31 -5.96
N ILE A 244 -13.10 -16.94 -6.40
CA ILE A 244 -12.63 -16.81 -7.79
C ILE A 244 -13.62 -17.43 -8.80
N ASP A 245 -14.16 -18.58 -8.45
CA ASP A 245 -15.25 -19.15 -9.24
C ASP A 245 -16.41 -18.20 -9.46
N VAL A 246 -16.87 -17.58 -8.37
CA VAL A 246 -18.01 -16.68 -8.43
C VAL A 246 -17.60 -15.50 -9.29
N ALA A 247 -16.39 -15.00 -9.04
CA ALA A 247 -15.89 -13.82 -9.75
C ALA A 247 -15.86 -14.04 -11.30
N LEU A 248 -15.28 -15.15 -11.73
CA LEU A 248 -15.11 -15.39 -13.16
C LEU A 248 -16.41 -15.79 -13.88
N HIS A 249 -17.23 -16.58 -13.18
CA HIS A 249 -18.55 -17.00 -13.69
C HIS A 249 -19.51 -15.81 -13.80
N SER A 250 -19.34 -14.83 -12.91
CA SER A 250 -20.17 -13.62 -12.91
C SER A 250 -19.96 -12.71 -14.14
N VAL A 251 -18.76 -12.70 -14.69
CA VAL A 251 -18.44 -11.84 -15.84
C VAL A 251 -18.53 -12.67 -17.12
N SER A 252 -18.86 -13.93 -16.89
CA SER A 252 -18.80 -15.01 -17.86
C SER A 252 -17.45 -15.10 -18.54
N SER B 22 5.24 -12.39 12.68
CA SER B 22 4.44 -11.26 12.18
C SER B 22 3.73 -11.63 10.87
N VAL B 23 2.43 -11.34 10.84
CA VAL B 23 1.52 -11.63 9.72
C VAL B 23 2.12 -11.42 8.32
N HIS B 24 2.77 -10.27 8.09
CA HIS B 24 3.21 -9.90 6.74
C HIS B 24 4.70 -10.08 6.46
N ILE B 25 5.45 -10.55 7.47
CA ILE B 25 6.88 -10.74 7.32
C ILE B 25 7.24 -12.19 7.71
N GLY B 26 7.83 -12.92 6.78
CA GLY B 26 8.11 -14.35 6.96
C GLY B 26 9.41 -14.67 7.66
N ALA B 27 9.92 -13.77 8.49
CA ALA B 27 11.24 -13.95 9.09
C ALA B 27 11.25 -14.72 10.38
N GLU B 28 12.31 -15.52 10.55
CA GLU B 28 12.60 -16.19 11.80
C GLU B 28 13.18 -15.17 12.77
N LYS B 29 13.11 -15.49 14.06
CA LYS B 29 13.78 -14.76 15.12
C LYS B 29 15.24 -14.52 14.73
N GLY B 30 15.71 -13.29 14.88
CA GLY B 30 17.11 -12.98 14.63
C GLY B 30 17.54 -12.79 13.19
N GLN B 31 16.61 -12.80 12.24
CA GLN B 31 16.95 -12.68 10.82
C GLN B 31 16.99 -11.22 10.35
N ILE B 32 16.36 -10.33 11.11
CA ILE B 32 16.26 -8.90 10.77
C ILE B 32 17.14 -8.06 11.69
N ALA B 33 17.98 -7.21 11.12
CA ALA B 33 18.89 -6.36 11.91
C ALA B 33 18.16 -5.30 12.77
N ASP B 34 18.92 -4.68 13.66
CA ASP B 34 18.41 -3.60 14.53
C ASP B 34 18.18 -2.31 13.72
N THR B 35 18.79 -2.24 12.54
CA THR B 35 18.72 -1.06 11.65
C THR B 35 18.17 -1.48 10.29
N VAL B 36 17.04 -0.90 9.89
CA VAL B 36 16.39 -1.32 8.64
C VAL B 36 16.25 -0.12 7.68
N LEU B 37 16.68 -0.29 6.43
CA LEU B 37 16.41 0.71 5.41
C LEU B 37 15.07 0.38 4.82
N LEU B 38 14.27 1.41 4.55
CA LEU B 38 12.90 1.23 4.09
C LEU B 38 12.62 1.91 2.73
N PRO B 39 13.04 1.28 1.62
CA PRO B 39 12.61 1.79 0.31
C PRO B 39 11.15 1.43 0.11
N GLY B 40 10.44 2.17 -0.75
CA GLY B 40 9.03 1.78 -1.05
C GLY B 40 8.91 0.54 -1.95
N ASP B 41 9.81 0.47 -2.92
CA ASP B 41 9.81 -0.54 -3.98
C ASP B 41 10.61 -1.75 -3.49
N PRO B 42 9.98 -2.93 -3.41
CA PRO B 42 10.74 -4.14 -3.00
C PRO B 42 11.85 -4.55 -3.97
N LEU B 43 11.74 -4.15 -5.24
CA LEU B 43 12.81 -4.40 -6.22
C LEU B 43 14.00 -3.49 -5.94
N ARG B 44 13.71 -2.29 -5.44
CA ARG B 44 14.79 -1.42 -5.00
C ARG B 44 15.38 -1.96 -3.72
N ALA B 45 14.56 -2.58 -2.87
CA ALA B 45 15.14 -3.27 -1.70
C ALA B 45 16.17 -4.34 -2.11
N LYS B 46 15.80 -5.20 -3.07
CA LYS B 46 16.72 -6.16 -3.65
C LYS B 46 17.97 -5.49 -4.24
N PHE B 47 17.77 -4.42 -5.02
CA PHE B 47 18.90 -3.69 -5.62
C PHE B 47 19.91 -3.15 -4.59
N ILE B 48 19.41 -2.48 -3.56
CA ILE B 48 20.22 -1.92 -2.48
C ILE B 48 21.01 -3.05 -1.78
N ALA B 49 20.31 -4.08 -1.33
CA ALA B 49 20.94 -5.20 -0.65
C ALA B 49 22.05 -5.83 -1.52
N GLU B 50 21.69 -6.21 -2.73
CA GLU B 50 22.64 -6.87 -3.63
C GLU B 50 23.83 -6.01 -4.04
N THR B 51 23.64 -4.69 -4.11
CA THR B 51 24.68 -3.77 -4.53
C THR B 51 25.60 -3.27 -3.40
N TYR B 52 25.02 -3.05 -2.21
CA TYR B 52 25.74 -2.39 -1.10
C TYR B 52 26.16 -3.30 0.04
N LEU B 53 25.57 -4.49 0.13
CA LEU B 53 25.77 -5.39 1.26
C LEU B 53 26.48 -6.70 0.94
N GLU B 54 27.14 -7.22 1.97
CA GLU B 54 27.84 -8.50 1.92
C GLU B 54 27.02 -9.55 2.66
N ASN B 55 27.21 -10.81 2.26
CA ASN B 55 26.54 -11.97 2.84
C ASN B 55 25.02 -11.82 2.93
N VAL B 56 24.40 -11.41 1.81
CA VAL B 56 22.98 -11.11 1.74
C VAL B 56 22.13 -12.37 1.87
N GLU B 57 21.11 -12.31 2.73
CA GLU B 57 20.04 -13.33 2.81
C GLU B 57 18.68 -12.66 2.61
N CYS B 58 17.76 -13.35 1.96
CA CYS B 58 16.37 -12.87 1.86
C CYS B 58 15.55 -13.59 2.92
N TYR B 59 15.03 -12.81 3.87
CA TYR B 59 14.25 -13.33 4.99
C TYR B 59 12.74 -13.23 4.75
N ASN B 60 12.33 -12.48 3.72
CA ASN B 60 10.91 -12.30 3.41
C ASN B 60 10.61 -12.24 1.93
N GLU B 61 9.69 -13.09 1.51
CA GLU B 61 9.09 -13.07 0.17
C GLU B 61 7.55 -12.95 0.26
N VAL B 62 7.01 -12.79 1.48
CA VAL B 62 5.54 -12.74 1.66
C VAL B 62 5.02 -11.55 0.87
N ARG B 63 4.04 -11.80 -0.01
CA ARG B 63 3.40 -10.77 -0.87
C ARG B 63 4.37 -10.19 -1.89
N GLY B 64 5.53 -10.84 -2.01
CA GLY B 64 6.60 -10.39 -2.90
C GLY B 64 7.24 -9.10 -2.42
N MET B 65 6.97 -8.74 -1.15
CA MET B 65 7.48 -7.49 -0.57
C MET B 65 8.81 -7.79 0.17
N TYR B 66 9.88 -7.87 -0.61
CA TYR B 66 11.15 -8.46 -0.19
C TYR B 66 11.82 -7.76 0.97
N GLY B 67 12.35 -8.57 1.88
CA GLY B 67 13.18 -8.10 2.97
C GLY B 67 14.48 -8.87 2.91
N PHE B 68 15.60 -8.17 3.03
CA PHE B 68 16.96 -8.79 2.98
C PHE B 68 17.80 -8.34 4.16
N THR B 69 18.76 -9.18 4.55
CA THR B 69 19.74 -8.80 5.58
C THR B 69 21.16 -9.08 5.08
N GLY B 70 22.03 -8.08 5.19
CA GLY B 70 23.46 -8.27 4.90
C GLY B 70 24.30 -7.44 5.84
N THR B 71 25.58 -7.27 5.51
CA THR B 71 26.47 -6.49 6.34
C THR B 71 27.04 -5.36 5.55
N TYR B 72 27.23 -4.23 6.22
CA TYR B 72 27.94 -3.09 5.65
C TYR B 72 29.03 -2.61 6.62
N LYS B 73 30.29 -2.78 6.24
CA LYS B 73 31.45 -2.47 7.10
C LYS B 73 31.29 -3.03 8.53
N GLY B 74 30.89 -4.29 8.61
CA GLY B 74 30.76 -4.96 9.89
C GLY B 74 29.39 -4.87 10.53
N LYS B 75 28.58 -3.90 10.13
CA LYS B 75 27.29 -3.69 10.76
C LYS B 75 26.20 -4.47 10.02
N LYS B 76 25.39 -5.20 10.79
CA LYS B 76 24.25 -5.90 10.20
C LYS B 76 23.22 -4.85 9.79
N ILE B 77 22.68 -4.99 8.58
CA ILE B 77 21.71 -4.04 8.02
C ILE B 77 20.63 -4.84 7.30
N SER B 78 19.38 -4.43 7.48
CA SER B 78 18.27 -5.04 6.75
C SER B 78 17.66 -4.01 5.81
N VAL B 79 17.00 -4.48 4.75
CA VAL B 79 16.42 -3.58 3.73
C VAL B 79 15.09 -4.20 3.42
N GLN B 80 14.03 -3.43 3.67
CA GLN B 80 12.68 -3.98 3.65
C GLN B 80 11.77 -3.12 2.80
N GLY B 81 11.18 -3.69 1.75
CA GLY B 81 10.15 -2.96 0.97
C GLY B 81 8.96 -2.59 1.83
N THR B 82 8.33 -1.42 1.57
CA THR B 82 7.21 -0.99 2.40
C THR B 82 5.90 -0.92 1.65
N GLY B 83 5.98 -0.87 0.31
CA GLY B 83 4.84 -0.50 -0.52
C GLY B 83 4.55 0.98 -0.46
N MET B 84 3.44 1.39 -1.07
CA MET B 84 3.16 2.81 -1.22
C MET B 84 1.99 3.19 -0.34
N GLY B 85 2.10 4.33 0.33
CA GLY B 85 1.02 4.87 1.10
C GLY B 85 1.18 4.60 2.58
N VAL B 86 0.53 5.44 3.38
CA VAL B 86 0.55 5.35 4.84
C VAL B 86 0.12 3.95 5.35
N PRO B 87 -1.03 3.42 4.88
CA PRO B 87 -1.45 2.09 5.39
C PRO B 87 -0.42 0.99 5.15
N SER B 88 0.23 0.98 3.98
CA SER B 88 1.13 -0.11 3.65
C SER B 88 2.40 -0.02 4.52
N ILE B 89 3.00 1.17 4.57
CA ILE B 89 4.20 1.30 5.44
C ILE B 89 3.91 1.07 6.94
N SER B 90 2.69 1.43 7.38
CA SER B 90 2.29 1.30 8.78
C SER B 90 2.34 -0.19 9.18
N ILE B 91 1.82 -1.05 8.32
CA ILE B 91 1.91 -2.52 8.51
C ILE B 91 3.34 -2.96 8.77
N TYR B 92 4.30 -2.57 7.90
CA TYR B 92 5.62 -3.15 7.97
C TYR B 92 6.37 -2.55 9.10
N VAL B 93 6.21 -1.23 9.32
CA VAL B 93 6.86 -0.58 10.46
C VAL B 93 6.38 -1.20 11.80
N ASN B 94 5.07 -1.42 11.91
CA ASN B 94 4.51 -1.96 13.16
C ASN B 94 5.00 -3.36 13.45
N GLU B 95 5.04 -4.21 12.43
CA GLU B 95 5.59 -5.56 12.60
C GLU B 95 7.10 -5.57 12.84
N LEU B 96 7.86 -4.73 12.11
CA LEU B 96 9.31 -4.66 12.36
C LEU B 96 9.60 -4.21 13.80
N ILE B 97 8.76 -3.33 14.32
CA ILE B 97 8.97 -2.83 15.67
C ILE B 97 8.52 -3.83 16.73
N GLN B 98 7.27 -4.27 16.63
CA GLN B 98 6.66 -5.07 17.69
CA GLN B 98 6.64 -5.08 17.67
C GLN B 98 7.11 -6.52 17.65
N SER B 99 7.28 -7.08 16.45
CA SER B 99 7.66 -8.48 16.32
C SER B 99 9.17 -8.76 16.23
N TYR B 100 9.95 -7.79 15.71
CA TYR B 100 11.38 -7.99 15.45
C TYR B 100 12.28 -6.98 16.21
N ASP B 101 11.67 -6.20 17.09
CA ASP B 101 12.39 -5.30 18.00
C ASP B 101 13.34 -4.32 17.27
N VAL B 102 12.97 -3.86 16.07
CA VAL B 102 13.88 -2.96 15.32
C VAL B 102 14.05 -1.62 16.06
N GLN B 103 15.25 -1.05 16.04
CA GLN B 103 15.53 0.19 16.76
C GLN B 103 15.61 1.46 15.91
N ASN B 104 16.21 1.33 14.72
CA ASN B 104 16.47 2.44 13.81
C ASN B 104 15.83 2.15 12.46
N LEU B 105 14.96 3.06 12.01
CA LEU B 105 14.20 2.85 10.79
C LEU B 105 14.39 4.04 9.84
N ILE B 106 14.96 3.79 8.68
CA ILE B 106 15.35 4.86 7.80
C ILE B 106 14.70 4.66 6.46
N ARG B 107 13.73 5.51 6.14
CA ARG B 107 13.17 5.46 4.80
C ARG B 107 14.17 6.08 3.81
N VAL B 108 14.36 5.40 2.68
CA VAL B 108 15.18 5.85 1.56
C VAL B 108 14.27 5.82 0.33
N GLY B 109 13.80 7.00 -0.07
CA GLY B 109 12.80 7.09 -1.12
C GLY B 109 13.01 8.28 -2.04
N SER B 110 12.00 8.53 -2.87
CA SER B 110 11.95 9.74 -3.68
C SER B 110 10.73 10.56 -3.27
N CYS B 111 10.78 11.85 -3.63
CA CYS B 111 9.61 12.73 -3.52
C CYS B 111 9.53 13.63 -4.76
N GLY B 112 8.36 14.21 -4.97
CA GLY B 112 8.21 15.23 -6.02
C GLY B 112 8.50 16.56 -5.36
N ALA B 113 9.51 17.28 -5.84
CA ALA B 113 9.83 18.60 -5.30
C ALA B 113 8.74 19.59 -5.67
N ILE B 114 8.40 20.50 -4.76
CA ILE B 114 7.32 21.45 -4.99
C ILE B 114 7.77 22.92 -4.97
N ARG B 115 9.07 23.12 -4.83
CA ARG B 115 9.65 24.45 -4.89
C ARG B 115 10.81 24.44 -5.88
N LYS B 116 11.05 25.58 -6.53
CA LYS B 116 12.14 25.69 -7.50
C LYS B 116 13.53 25.67 -6.82
N ASP B 117 13.62 26.14 -5.58
CA ASP B 117 14.89 26.12 -4.84
C ASP B 117 15.33 24.75 -4.32
N VAL B 118 14.49 23.73 -4.46
CA VAL B 118 14.88 22.34 -4.24
C VAL B 118 15.44 21.82 -5.56
N LYS B 119 16.70 21.44 -5.52
CA LYS B 119 17.39 21.14 -6.76
C LYS B 119 17.39 19.63 -6.99
N VAL B 120 17.61 19.24 -8.24
CA VAL B 120 17.52 17.84 -8.65
C VAL B 120 18.55 16.91 -7.94
N ARG B 121 19.67 17.50 -7.52
CA ARG B 121 20.72 16.74 -6.87
C ARG B 121 20.71 16.75 -5.33
N ASP B 122 19.80 17.53 -4.73
CA ASP B 122 19.73 17.68 -3.27
C ASP B 122 19.23 16.38 -2.64
N VAL B 123 19.93 15.93 -1.60
CA VAL B 123 19.41 14.87 -0.74
C VAL B 123 18.62 15.56 0.38
N ILE B 124 17.38 15.15 0.56
CA ILE B 124 16.51 15.82 1.52
C ILE B 124 16.43 14.98 2.80
N LEU B 125 16.62 15.64 3.95
CA LEU B 125 16.36 15.06 5.26
C LEU B 125 15.10 15.69 5.87
N ALA B 126 14.07 14.88 6.12
CA ALA B 126 12.78 15.39 6.56
C ALA B 126 12.75 15.54 8.07
N MET B 127 12.64 16.79 8.54
CA MET B 127 12.52 17.08 9.96
C MET B 127 11.15 16.64 10.45
N THR B 128 10.15 16.88 9.60
CA THR B 128 8.76 16.60 9.92
C THR B 128 7.98 16.48 8.62
N SER B 129 6.71 16.11 8.74
CA SER B 129 5.86 16.03 7.55
CA SER B 129 5.85 15.98 7.55
C SER B 129 4.42 16.41 7.85
N SER B 130 3.83 17.10 6.88
CA SER B 130 2.41 17.41 6.92
C SER B 130 1.69 16.23 6.27
N THR B 131 0.38 16.12 6.47
CA THR B 131 -0.34 15.07 5.79
C THR B 131 -1.82 15.36 5.54
N ASP B 132 -2.41 14.72 4.52
CA ASP B 132 -3.87 14.67 4.46
C ASP B 132 -4.40 13.29 4.83
N SER B 133 -3.50 12.39 5.24
CA SER B 133 -3.92 11.17 5.91
C SER B 133 -4.69 11.48 7.19
N GLN B 134 -5.70 10.66 7.48
CA GLN B 134 -6.50 10.85 8.66
C GLN B 134 -5.94 10.07 9.84
N MET B 135 -4.78 9.43 9.65
CA MET B 135 -4.29 8.46 10.64
C MET B 135 -4.16 9.10 12.02
N ASN B 136 -3.69 10.34 12.07
CA ASN B 136 -3.46 11.02 13.34
C ASN B 136 -4.70 11.67 13.94
N ARG B 137 -5.55 12.21 13.07
CA ARG B 137 -6.83 12.76 13.55
C ARG B 137 -7.71 11.64 14.14
N VAL B 138 -7.58 10.44 13.61
CA VAL B 138 -8.17 9.24 14.22
C VAL B 138 -7.68 9.02 15.67
N ALA B 139 -6.38 9.24 15.91
CA ALA B 139 -5.81 9.10 17.26
C ALA B 139 -6.05 10.29 18.19
N PHE B 140 -5.93 11.49 17.64
CA PHE B 140 -5.82 12.69 18.42
C PHE B 140 -7.02 13.64 18.32
N GLY B 141 -7.94 13.36 17.39
CA GLY B 141 -9.12 14.21 17.20
C GLY B 141 -8.82 15.65 16.82
N SER B 142 -9.10 16.57 17.74
CA SER B 142 -8.90 18.02 17.51
C SER B 142 -7.44 18.48 17.52
N VAL B 143 -6.52 17.55 17.76
CA VAL B 143 -5.10 17.91 17.78
C VAL B 143 -4.45 17.66 16.43
N ASP B 144 -3.69 18.65 15.96
CA ASP B 144 -2.80 18.53 14.81
C ASP B 144 -1.52 17.87 15.36
N PHE B 145 -1.27 16.60 15.03
CA PHE B 145 -0.03 16.01 15.52
C PHE B 145 1.07 16.20 14.48
N ALA B 146 2.21 16.74 14.93
CA ALA B 146 3.35 16.97 14.09
C ALA B 146 4.40 15.89 14.36
N PRO B 147 4.57 14.96 13.39
CA PRO B 147 5.57 13.89 13.48
C PRO B 147 6.97 14.45 13.49
N CYS B 148 7.89 13.75 14.15
CA CYS B 148 9.22 14.30 14.25
C CYS B 148 10.25 13.23 14.01
N ALA B 149 11.29 13.54 13.22
CA ALA B 149 12.39 12.62 12.95
C ALA B 149 13.18 12.56 14.25
N ASP B 150 13.81 11.44 14.52
CA ASP B 150 14.81 11.38 15.57
C ASP B 150 16.02 12.25 15.23
N PHE B 151 16.32 13.24 16.08
CA PHE B 151 17.41 14.19 15.78
C PHE B 151 18.80 13.55 15.68
N GLU B 152 19.05 12.54 16.51
CA GLU B 152 20.33 11.87 16.42
C GLU B 152 20.56 11.26 15.01
N LEU B 153 19.58 10.53 14.49
CA LEU B 153 19.71 9.96 13.13
C LEU B 153 19.88 11.08 12.09
N LEU B 154 19.00 12.08 12.16
CA LEU B 154 19.06 13.24 11.29
C LEU B 154 20.43 13.92 11.28
N LYS B 155 20.95 14.25 12.47
CA LYS B 155 22.22 14.98 12.56
C LYS B 155 23.38 14.12 12.10
N ASN B 156 23.29 12.81 12.35
CA ASN B 156 24.28 11.85 11.84
C ASN B 156 24.25 11.80 10.31
N ALA B 157 23.04 11.77 9.75
CA ALA B 157 22.91 11.81 8.31
C ALA B 157 23.45 13.12 7.73
N TYR B 158 23.06 14.23 8.34
CA TYR B 158 23.52 15.53 7.91
C TYR B 158 25.06 15.59 7.92
N ASP B 159 25.68 15.15 9.04
CA ASP B 159 27.16 15.15 9.20
C ASP B 159 27.87 14.26 8.16
N ALA B 160 27.23 13.12 7.84
CA ALA B 160 27.72 12.21 6.80
C ALA B 160 27.77 12.85 5.41
N ALA B 161 26.70 13.58 5.07
CA ALA B 161 26.61 14.32 3.81
C ALA B 161 27.63 15.47 3.78
N LYS B 162 27.65 16.25 4.85
CA LYS B 162 28.53 17.42 4.95
C LYS B 162 30.02 17.01 4.94
N ASP B 163 30.35 15.91 5.64
CA ASP B 163 31.68 15.27 5.59
C ASP B 163 32.18 15.08 4.14
N LYS B 164 31.33 14.52 3.28
CA LYS B 164 31.67 14.25 1.87
C LYS B 164 31.53 15.45 0.89
N GLY B 165 30.68 16.43 1.25
CA GLY B 165 30.30 17.52 0.35
C GLY B 165 29.04 17.18 -0.44
N VAL B 166 28.32 16.13 -0.01
CA VAL B 166 27.06 15.74 -0.65
C VAL B 166 25.99 16.78 -0.33
N PRO B 167 25.35 17.32 -1.39
CA PRO B 167 24.43 18.44 -1.18
C PRO B 167 23.20 17.96 -0.42
N VAL B 168 22.84 18.66 0.65
CA VAL B 168 21.73 18.24 1.52
C VAL B 168 20.83 19.42 1.91
N THR B 169 19.52 19.18 1.91
CA THR B 169 18.55 20.19 2.32
C THR B 169 17.66 19.62 3.42
N VAL B 170 17.43 20.41 4.47
CA VAL B 170 16.75 19.92 5.66
C VAL B 170 15.50 20.74 5.87
N GLY B 171 14.37 20.07 5.77
CA GLY B 171 13.11 20.74 6.01
C GLY B 171 11.98 19.76 6.13
N SER B 172 10.80 20.20 5.70
CA SER B 172 9.61 19.40 5.86
C SER B 172 9.11 18.85 4.53
N VAL B 173 8.30 17.80 4.61
CA VAL B 173 7.68 17.22 3.42
C VAL B 173 6.19 17.10 3.62
N PHE B 174 5.51 16.61 2.60
CA PHE B 174 4.06 16.39 2.69
C PHE B 174 3.82 14.96 2.38
N THR B 175 3.09 14.29 3.26
CA THR B 175 2.72 12.88 3.07
C THR B 175 1.29 12.80 2.55
N ALA B 176 1.16 12.46 1.27
CA ALA B 176 -0.10 12.56 0.58
C ALA B 176 -0.75 11.19 0.60
N ASP B 177 -2.07 11.18 0.70
CA ASP B 177 -2.83 9.96 0.60
C ASP B 177 -3.22 9.67 -0.83
N GLN B 178 -3.08 10.64 -1.74
CA GLN B 178 -3.66 10.45 -3.09
C GLN B 178 -2.70 10.93 -4.14
N PHE B 179 -2.02 9.98 -4.80
CA PHE B 179 -1.01 10.29 -5.83
C PHE B 179 -1.56 11.26 -6.90
N TYR B 180 -2.76 10.97 -7.43
CA TYR B 180 -3.44 11.80 -8.43
C TYR B 180 -4.50 12.66 -7.79
N ASP B 183 -3.46 17.68 -5.93
CA ASP B 183 -2.87 18.90 -6.49
C ASP B 183 -3.19 20.15 -5.66
N SER B 184 -4.43 20.24 -5.23
CA SER B 184 -4.88 21.34 -4.41
C SER B 184 -4.03 21.43 -3.17
N GLN B 185 -3.60 22.65 -2.86
CA GLN B 185 -2.86 22.95 -1.65
C GLN B 185 -1.37 22.57 -1.67
N ILE B 186 -0.97 21.54 -2.45
CA ILE B 186 0.46 21.38 -2.74
C ILE B 186 0.97 22.78 -3.07
N GLU B 187 0.18 23.47 -3.89
CA GLU B 187 0.38 24.86 -4.24
C GLU B 187 0.54 25.75 -2.98
N LYS B 188 -0.40 25.62 -2.05
CA LYS B 188 -0.33 26.36 -0.78
C LYS B 188 0.83 25.85 0.11
N LEU B 189 1.01 24.53 0.25
CA LEU B 189 2.13 24.00 1.06
C LEU B 189 3.50 24.50 0.62
N ALA B 190 3.74 24.59 -0.69
CA ALA B 190 4.98 25.18 -1.22
C ALA B 190 5.21 26.59 -0.70
N LYS B 191 4.14 27.36 -0.58
CA LYS B 191 4.24 28.76 -0.09
C LYS B 191 4.59 28.81 1.40
N TYR B 192 4.38 27.71 2.11
CA TYR B 192 4.80 27.60 3.52
C TYR B 192 6.17 26.91 3.66
N GLY B 193 6.87 26.71 2.55
CA GLY B 193 8.27 26.29 2.55
C GLY B 193 8.46 24.80 2.56
N VAL B 194 7.36 24.07 2.42
CA VAL B 194 7.40 22.61 2.33
C VAL B 194 8.16 22.22 1.07
N LEU B 195 9.01 21.20 1.19
CA LEU B 195 9.98 20.86 0.14
C LEU B 195 9.46 19.94 -0.95
N GLY B 196 8.64 18.96 -0.61
CA GLY B 196 8.26 18.00 -1.61
C GLY B 196 7.19 17.08 -1.08
N VAL B 197 6.69 16.23 -1.97
CA VAL B 197 5.56 15.35 -1.68
C VAL B 197 5.97 13.88 -1.87
N GLU B 198 5.58 13.05 -0.90
CA GLU B 198 5.77 11.61 -0.99
C GLU B 198 4.59 10.98 -0.26
N MET B 199 4.65 9.69 0.07
CA MET B 199 3.45 9.02 0.55
C MET B 199 3.65 8.14 1.81
N GLU B 200 4.72 8.37 2.56
CA GLU B 200 5.07 7.43 3.66
C GLU B 200 5.52 8.05 4.97
N THR B 201 6.09 9.26 4.93
CA THR B 201 6.87 9.75 6.09
C THR B 201 6.08 9.94 7.38
N THR B 202 4.88 10.54 7.29
CA THR B 202 4.05 10.73 8.46
C THR B 202 3.89 9.41 9.23
N ALA B 203 3.63 8.32 8.50
CA ALA B 203 3.38 7.02 9.15
C ALA B 203 4.63 6.52 9.89
N LEU B 204 5.74 6.43 9.18
CA LEU B 204 7.03 6.12 9.78
C LEU B 204 7.35 6.93 11.04
N TYR B 205 7.28 8.26 10.97
CA TYR B 205 7.70 9.09 12.08
C TYR B 205 6.79 8.92 13.32
N THR B 206 5.49 8.82 13.05
CA THR B 206 4.50 8.71 14.10
C THR B 206 4.63 7.36 14.83
N LEU B 207 4.66 6.27 14.06
CA LEU B 207 4.70 4.94 14.65
C LEU B 207 6.02 4.64 15.35
N ALA B 208 7.13 5.13 14.78
CA ALA B 208 8.43 4.98 15.43
C ALA B 208 8.44 5.63 16.82
N ALA B 209 7.98 6.88 16.86
CA ALA B 209 7.99 7.68 18.10
C ALA B 209 7.07 7.10 19.16
N LYS B 210 5.94 6.56 18.72
CA LYS B 210 4.93 5.93 19.58
C LYS B 210 5.55 4.72 20.30
N HIS B 211 6.43 4.00 19.61
CA HIS B 211 7.11 2.84 20.22
C HIS B 211 8.51 3.11 20.77
N GLY B 212 8.89 4.38 20.88
CA GLY B 212 10.21 4.78 21.36
C GLY B 212 11.38 4.37 20.48
N ARG B 213 11.15 4.27 19.17
CA ARG B 213 12.21 3.88 18.25
C ARG B 213 12.66 5.10 17.44
N LYS B 214 13.77 4.94 16.72
CA LYS B 214 14.35 6.07 15.99
C LYS B 214 14.04 5.98 14.51
N ALA B 215 13.61 7.11 13.93
CA ALA B 215 13.25 7.13 12.51
C ALA B 215 13.79 8.35 11.80
N LEU B 216 14.05 8.17 10.51
CA LEU B 216 14.47 9.25 9.60
C LEU B 216 14.06 8.89 8.18
N SER B 217 13.71 9.89 7.39
CA SER B 217 13.36 9.69 5.97
C SER B 217 14.35 10.48 5.18
N ILE B 218 15.06 9.80 4.29
CA ILE B 218 16.03 10.45 3.42
C ILE B 218 15.45 10.34 2.01
N LEU B 219 15.41 11.44 1.29
CA LEU B 219 14.66 11.50 0.04
C LEU B 219 15.43 12.16 -1.10
N THR B 220 15.24 11.65 -2.30
CA THR B 220 15.79 12.29 -3.49
C THR B 220 14.62 12.85 -4.31
N VAL B 221 14.94 13.68 -5.30
CA VAL B 221 13.91 14.34 -6.12
C VAL B 221 13.66 13.56 -7.38
N SER B 222 12.43 13.07 -7.55
CA SER B 222 12.09 12.33 -8.76
C SER B 222 11.65 13.30 -9.86
N ASP B 223 11.11 14.46 -9.48
CA ASP B 223 10.69 15.49 -10.44
C ASP B 223 10.23 16.78 -9.74
N HIS B 224 9.99 17.83 -10.53
CA HIS B 224 9.25 18.97 -10.03
C HIS B 224 7.79 18.85 -10.46
N VAL B 225 6.88 18.83 -9.48
CA VAL B 225 5.46 18.59 -9.76
C VAL B 225 4.77 19.83 -10.31
N LEU B 226 5.18 21.01 -9.86
CA LEU B 226 4.48 22.24 -10.29
C LEU B 226 4.89 22.68 -11.72
N THR B 227 6.16 22.54 -12.07
CA THR B 227 6.62 22.90 -13.40
C THR B 227 6.60 21.71 -14.38
N GLY B 228 6.38 20.52 -13.84
CA GLY B 228 6.34 19.31 -14.65
C GLY B 228 7.73 18.84 -15.07
N GLU B 229 8.75 19.54 -14.57
CA GLU B 229 10.14 19.26 -14.95
C GLU B 229 10.66 17.94 -14.34
N GLU B 230 10.85 16.96 -15.22
CA GLU B 230 11.39 15.67 -14.80
C GLU B 230 12.92 15.73 -14.65
N THR B 231 13.44 14.81 -13.87
CA THR B 231 14.87 14.57 -13.73
C THR B 231 15.30 13.51 -14.76
N THR B 232 16.56 13.57 -15.21
CA THR B 232 17.09 12.55 -16.12
C THR B 232 17.48 11.28 -15.36
N ALA B 233 17.56 10.15 -16.08
CA ALA B 233 17.93 8.86 -15.50
C ALA B 233 19.30 8.88 -14.82
N GLU B 234 20.25 9.58 -15.44
CA GLU B 234 21.61 9.74 -14.90
C GLU B 234 21.60 10.51 -13.58
N GLU B 235 20.85 11.62 -13.54
CA GLU B 235 20.69 12.43 -12.32
C GLU B 235 20.09 11.57 -11.20
N ARG B 236 19.10 10.76 -11.53
CA ARG B 236 18.47 9.85 -10.58
C ARG B 236 19.44 8.81 -10.03
N GLN B 237 20.28 8.26 -10.90
CA GLN B 237 21.23 7.20 -10.50
C GLN B 237 22.25 7.73 -9.48
N THR B 238 22.74 8.94 -9.73
CA THR B 238 23.70 9.64 -8.87
C THR B 238 23.09 9.93 -7.49
N THR B 239 21.92 10.55 -7.47
CA THR B 239 21.30 10.93 -6.18
C THR B 239 20.87 9.71 -5.37
N PHE B 240 20.51 8.62 -6.05
CA PHE B 240 20.12 7.39 -5.37
C PHE B 240 21.33 6.84 -4.63
N HIS B 241 22.49 6.91 -5.29
CA HIS B 241 23.75 6.48 -4.70
C HIS B 241 24.07 7.32 -3.47
N ASP B 242 23.93 8.64 -3.59
CA ASP B 242 24.29 9.58 -2.52
C ASP B 242 23.41 9.35 -1.29
N MET B 243 22.11 9.15 -1.56
CA MET B 243 21.12 8.80 -0.54
C MET B 243 21.45 7.53 0.25
N ILE B 244 21.73 6.44 -0.45
CA ILE B 244 22.06 5.17 0.20
C ILE B 244 23.39 5.28 0.96
N ASP B 245 24.37 5.94 0.35
CA ASP B 245 25.67 6.16 0.99
C ASP B 245 25.52 6.97 2.29
N VAL B 246 24.65 7.98 2.26
CA VAL B 246 24.34 8.76 3.47
C VAL B 246 23.61 7.91 4.51
N ALA B 247 22.58 7.19 4.08
CA ALA B 247 21.93 6.28 5.02
C ALA B 247 22.95 5.35 5.71
N LEU B 248 23.85 4.73 4.93
CA LEU B 248 24.74 3.70 5.45
C LEU B 248 25.89 4.25 6.26
N HIS B 249 26.49 5.34 5.77
CA HIS B 249 27.59 6.05 6.45
C HIS B 249 27.16 6.57 7.83
N SER B 250 25.88 6.93 7.98
CA SER B 250 25.44 7.60 9.19
C SER B 250 25.16 6.64 10.33
N VAL B 251 24.95 5.36 10.01
CA VAL B 251 24.68 4.35 11.03
C VAL B 251 25.92 3.50 11.36
N SER B 252 27.03 3.79 10.69
CA SER B 252 28.21 2.94 10.73
C SER B 252 29.45 3.75 10.36
#